data_9GCM
#
_entry.id   9GCM
#
_cell.length_a   1.00
_cell.length_b   1.00
_cell.length_c   1.00
_cell.angle_alpha   90.00
_cell.angle_beta   90.00
_cell.angle_gamma   90.00
#
_symmetry.space_group_name_H-M   'P 1'
#
loop_
_entity.id
_entity.type
_entity.pdbx_description
1 polymer 'U11 snRNA'
2 polymer 'U11/U12 small nuclear ribonucleoprotein 25 kDa protein'
3 polymer 'U11/U12 small nuclear ribonucleoprotein 35 kDa protein'
4 polymer 'Programmed cell death protein 7'
#
loop_
_entity_poly.entity_id
_entity_poly.type
_entity_poly.pdbx_seq_one_letter_code
_entity_poly.pdbx_strand_id
1 'polyribonucleotide'
;AAAAAGGGCUUCUGUCGUGAGUGGCACACGUAGGGCAACUCGAUUGCUCUGCGUGCGGAAUCGACAUCAAGAGAUUUCGG
AAGCAUAAUUUUUUGGUAUUUGGGCAGCUGGUGAUCGUUGGUCCCGGCGCCCUUU
;
A
2 'polypeptide(L)'
;MDVFQEGLAMVVQDPLLCDLPIQVTLEEVNSQIALEYGQAMTVRVCKMDGEVMPVVVVQSATVLDLKKAIQRYVQLKQER
EGGIQHISWSYVWRTYHLTSAGEKLTEDRKKLRDYGIRNRDEVSFIKKLRQK
;
B
3 'polypeptide(L)'
;MNDWMPIAKEYDPLKAGSIDGTDEDPHDRAVWRAMLARYVPNKGVIGDPLLTLFVARLNLQTKEDKLKEVFSRYGDIRRL
RLVRDLVTGFSKGYAFIEYKEERAVIKAYRDADGLVIDQHEIFVDYELERTLKGWIPRRLGGGLGGKKESGQLRFGGRDR
PFRKPINLPVVKNDLYREGKRERRERSRSRERHWDSRTRDRDHDRGREKRWQEREPTRVWPDNDWERERDFRDDRIKGRE
KKERGK
;
C
4 'polypeptide(L)'
;MALPPFFGQGRPGPPPPQPPPPAPFGCPPPPLPSPAFPPPLPQRPGPFPGASAPFLQPPLALQPRASAEASRGGGGAGAF
YPVPPPPLPPPPPQCRPFPGTDAGERPRPPPPGPGPPWSPRWPEAPPPPADVLGDAALQRLRDRQWLEAVFGTPRRAGCP
VPQRTHAGPSLGEVRARLLRALRLVRRLRGLSQALREAEADGAAWVLLYSQTAPLRAELAERLQPLTQAAYVGEARRRLE
RVRRRRLRLRERAREREAEREAEAARAVEREQEIDRWRVKCVQEVEEKKREQELKAAADGVLSEVRKKQADTKRMVDILR
ALEKLRKLRKEAAARKGVCPPASADETFTHHLQRLRKLIKKRSELYEAEERALRVMLEGEQEEERKRELEKKQRKEKEKI
LLQKREIESKLFGDPDEFPLAHLLEPFRQYYLQAEHSLPALIQIRHDWDQYLVPSDHPKGNFVPQGWVLPPLPSNDIWAT
AVKLH
;
D
#
# COMPACT_ATOMS: atom_id res chain seq x y z
N MET B 1 0.58 -14.68 24.42
CA MET B 1 1.80 -14.02 24.89
C MET B 1 1.88 -12.59 24.35
N ASP B 2 0.72 -11.93 24.29
CA ASP B 2 0.62 -10.58 23.73
C ASP B 2 -0.25 -9.70 24.65
N VAL B 3 0.05 -9.73 25.95
CA VAL B 3 -0.73 -8.95 26.92
C VAL B 3 -0.60 -7.45 26.66
N PHE B 4 0.46 -7.02 25.99
CA PHE B 4 0.65 -5.60 25.72
C PHE B 4 -0.43 -5.04 24.82
N GLN B 5 -1.00 -5.87 23.94
CA GLN B 5 -2.02 -5.38 23.02
C GLN B 5 -3.25 -4.87 23.76
N GLU B 6 -3.69 -5.59 24.79
CA GLU B 6 -4.84 -5.15 25.57
C GLU B 6 -4.57 -3.80 26.22
N GLY B 7 -3.39 -3.65 26.83
CA GLY B 7 -3.06 -2.39 27.48
C GLY B 7 -2.99 -1.24 26.49
N LEU B 8 -2.39 -1.48 25.33
CA LEU B 8 -2.31 -0.43 24.31
C LEU B 8 -3.68 -0.03 23.82
N ALA B 9 -4.61 -0.99 23.74
CA ALA B 9 -5.95 -0.70 23.23
C ALA B 9 -6.71 0.23 24.18
N MET B 10 -6.74 -0.11 25.47
CA MET B 10 -7.48 0.71 26.42
C MET B 10 -6.83 2.08 26.59
N VAL B 11 -5.51 2.14 26.56
CA VAL B 11 -4.82 3.42 26.72
C VAL B 11 -5.12 4.36 25.55
N VAL B 12 -5.27 3.82 24.35
CA VAL B 12 -5.59 4.65 23.18
C VAL B 12 -6.92 5.36 23.37
N GLN B 13 -7.85 4.75 24.12
CA GLN B 13 -9.14 5.36 24.38
C GLN B 13 -9.06 6.67 25.13
N ASP B 14 -7.86 7.07 25.57
CA ASP B 14 -7.68 8.38 26.19
C ASP B 14 -8.12 9.46 25.21
N PRO B 15 -9.02 10.36 25.61
CA PRO B 15 -9.45 11.43 24.69
C PRO B 15 -8.31 12.27 24.15
N LEU B 16 -7.26 12.50 24.94
CA LEU B 16 -6.07 13.18 24.47
C LEU B 16 -5.08 12.22 23.82
N LEU B 17 -5.55 11.05 23.38
CA LEU B 17 -4.69 10.09 22.70
C LEU B 17 -5.40 9.41 21.54
N CYS B 18 -6.58 9.89 21.14
CA CYS B 18 -7.34 9.23 20.08
C CYS B 18 -6.69 9.34 18.72
N ASP B 19 -5.71 10.24 18.56
CA ASP B 19 -5.04 10.40 17.27
C ASP B 19 -4.27 9.15 16.88
N LEU B 20 -3.88 8.34 17.86
CA LEU B 20 -2.96 7.24 17.61
C LEU B 20 -3.69 6.05 17.01
N PRO B 21 -3.18 5.45 15.93
CA PRO B 21 -3.86 4.33 15.25
C PRO B 21 -3.59 2.94 15.86
N ILE B 22 -4.28 2.66 16.97
CA ILE B 22 -4.22 1.37 17.65
C ILE B 22 -2.77 0.99 17.90
N GLN B 23 -2.18 0.24 16.97
CA GLN B 23 -0.75 -0.09 17.07
C GLN B 23 0.05 1.20 16.98
N VAL B 24 0.81 1.49 18.02
CA VAL B 24 1.46 2.78 18.18
C VAL B 24 2.83 2.82 17.51
N THR B 25 3.71 1.89 17.91
CA THR B 25 5.09 1.82 17.41
C THR B 25 5.89 3.07 17.75
N LEU B 26 7.22 2.97 17.72
CA LEU B 26 8.05 4.06 18.23
C LEU B 26 8.07 5.25 17.29
N GLU B 27 8.18 5.01 15.99
CA GLU B 27 8.38 6.13 15.06
C GLU B 27 7.15 7.02 14.98
N GLU B 28 5.95 6.45 15.09
CA GLU B 28 4.75 7.26 15.02
C GLU B 28 4.62 8.19 16.22
N VAL B 29 4.79 7.65 17.44
CA VAL B 29 4.69 8.50 18.62
C VAL B 29 5.82 9.51 18.64
N ASN B 30 7.03 9.10 18.25
CA ASN B 30 8.16 10.01 18.26
C ASN B 30 7.95 11.16 17.29
N SER B 31 7.33 10.89 16.14
CA SER B 31 7.03 11.96 15.20
C SER B 31 6.09 12.98 15.81
N GLN B 32 5.06 12.51 16.52
CA GLN B 32 4.12 13.43 17.15
C GLN B 32 4.76 14.16 18.32
N ILE B 33 5.84 13.63 18.88
CA ILE B 33 6.59 14.38 19.89
C ILE B 33 7.11 15.67 19.29
N ALA B 34 7.71 15.59 18.10
CA ALA B 34 8.23 16.79 17.46
C ALA B 34 7.10 17.71 17.03
N LEU B 35 5.90 17.18 16.82
CA LEU B 35 4.75 18.02 16.54
C LEU B 35 4.45 18.94 17.71
N GLU B 36 4.46 18.39 18.93
CA GLU B 36 4.30 19.22 20.12
C GLU B 36 5.47 20.18 20.27
N TYR B 37 6.69 19.69 20.05
CA TYR B 37 7.86 20.55 20.10
C TYR B 37 7.96 21.49 18.90
N GLY B 38 7.14 21.28 17.87
CA GLY B 38 7.16 22.11 16.69
C GLY B 38 8.24 21.77 15.69
N GLN B 39 9.08 20.78 15.98
CA GLN B 39 10.14 20.43 15.04
C GLN B 39 9.56 19.76 13.80
N ALA B 40 8.53 18.94 13.98
CA ALA B 40 7.93 18.24 12.85
C ALA B 40 6.98 19.15 12.09
N MET B 41 6.44 18.63 11.00
CA MET B 41 5.40 19.32 10.25
C MET B 41 4.62 18.28 9.45
N THR B 42 3.33 18.51 9.31
CA THR B 42 2.48 17.60 8.54
C THR B 42 2.38 18.09 7.10
N VAL B 43 2.63 17.19 6.17
CA VAL B 43 2.48 17.46 4.75
C VAL B 43 1.39 16.56 4.20
N ARG B 44 0.28 17.15 3.81
CA ARG B 44 -0.84 16.38 3.30
C ARG B 44 -0.58 15.95 1.87
N VAL B 45 -0.92 14.70 1.56
CA VAL B 45 -0.91 14.18 0.21
C VAL B 45 -2.31 13.64 -0.09
N CYS B 46 -2.86 14.02 -1.23
CA CYS B 46 -4.17 13.56 -1.66
C CYS B 46 -4.01 12.69 -2.89
N LYS B 47 -4.54 11.48 -2.82
CA LYS B 47 -4.62 10.64 -4.00
C LYS B 47 -5.62 11.25 -4.98
N MET B 48 -5.53 10.81 -6.24
CA MET B 48 -6.35 11.41 -7.29
C MET B 48 -7.84 11.10 -7.13
N ASP B 49 -8.22 10.17 -6.26
CA ASP B 49 -9.62 9.96 -5.96
C ASP B 49 -10.10 10.80 -4.79
N GLY B 50 -9.26 11.69 -4.26
CA GLY B 50 -9.64 12.62 -3.23
C GLY B 50 -9.21 12.23 -1.83
N GLU B 51 -8.88 10.97 -1.60
CA GLU B 51 -8.48 10.54 -0.26
C GLU B 51 -7.16 11.19 0.13
N VAL B 52 -7.10 11.67 1.36
CA VAL B 52 -5.94 12.40 1.87
C VAL B 52 -5.27 11.57 2.95
N MET B 53 -3.93 11.57 2.94
CA MET B 53 -3.15 10.90 3.96
C MET B 53 -2.19 11.90 4.59
N PRO B 54 -2.27 12.15 5.90
CA PRO B 54 -1.43 13.19 6.52
C PRO B 54 -0.03 12.71 6.87
N VAL B 55 0.88 12.73 5.92
CA VAL B 55 2.26 12.33 6.17
C VAL B 55 2.95 13.39 7.02
N VAL B 56 3.69 12.93 8.04
CA VAL B 56 4.38 13.81 8.99
C VAL B 56 5.89 13.62 8.84
N VAL B 57 6.61 14.74 8.72
CA VAL B 57 8.07 14.74 8.63
C VAL B 57 8.59 15.84 9.53
N VAL B 58 9.92 15.91 9.65
CA VAL B 58 10.57 16.95 10.43
C VAL B 58 10.69 18.20 9.58
N GLN B 59 11.00 19.34 10.22
CA GLN B 59 11.13 20.59 9.47
C GLN B 59 12.26 20.51 8.45
N SER B 60 13.40 19.94 8.85
CA SER B 60 14.54 19.83 7.96
C SER B 60 14.48 18.58 7.10
N ALA B 61 13.31 17.99 6.94
CA ALA B 61 13.18 16.79 6.12
C ALA B 61 13.45 17.12 4.66
N THR B 62 14.20 16.26 4.00
CA THR B 62 14.50 16.44 2.59
C THR B 62 13.43 15.73 1.74
N VAL B 63 13.46 16.02 0.44
CA VAL B 63 12.45 15.47 -0.45
C VAL B 63 12.48 13.95 -0.42
N LEU B 64 13.67 13.38 -0.52
CA LEU B 64 13.81 11.93 -0.46
C LEU B 64 13.34 11.39 0.89
N ASP B 65 13.59 12.12 1.97
CA ASP B 65 13.09 11.70 3.27
C ASP B 65 11.57 11.71 3.26
N LEU B 66 10.97 12.75 2.66
CA LEU B 66 9.52 12.78 2.51
C LEU B 66 9.01 11.56 1.75
N LYS B 67 9.77 11.12 0.74
CA LYS B 67 9.36 9.95 -0.03
C LYS B 67 9.24 8.72 0.86
N LYS B 68 10.25 8.48 1.70
CA LYS B 68 10.18 7.33 2.61
C LYS B 68 9.04 7.46 3.60
N ALA B 69 8.74 8.69 4.03
CA ALA B 69 7.62 8.90 4.94
C ALA B 69 6.32 8.45 4.29
N ILE B 70 6.14 8.75 3.00
CA ILE B 70 4.99 8.21 2.28
C ILE B 70 5.05 6.70 2.25
N GLN B 71 6.22 6.13 1.95
CA GLN B 71 6.38 4.69 2.03
C GLN B 71 6.06 4.19 3.43
N ARG B 72 6.58 4.87 4.44
CA ARG B 72 6.30 4.46 5.82
C ARG B 72 4.82 4.57 6.13
N TYR B 73 4.19 5.66 5.70
CA TYR B 73 2.75 5.81 5.92
C TYR B 73 1.96 4.76 5.15
N VAL B 74 2.24 4.64 3.85
CA VAL B 74 1.47 3.70 3.02
C VAL B 74 1.68 2.28 3.50
N GLN B 75 2.93 1.89 3.76
CA GLN B 75 3.19 0.53 4.18
C GLN B 75 2.49 0.23 5.51
N LEU B 76 2.55 1.18 6.45
CA LEU B 76 1.84 0.99 7.70
C LEU B 76 0.34 0.90 7.46
N LYS B 77 -0.17 1.66 6.49
CA LYS B 77 -1.59 1.59 6.15
C LYS B 77 -1.98 0.21 5.66
N GLN B 78 -1.14 -0.39 4.82
CA GLN B 78 -1.54 -1.61 4.13
C GLN B 78 -1.75 -2.77 5.09
N GLU B 79 -0.86 -2.93 6.07
CA GLU B 79 -1.00 -4.02 7.03
C GLU B 79 -2.28 -3.88 7.85
N ARG B 80 -2.64 -2.66 8.26
CA ARG B 80 -3.84 -2.52 9.08
C ARG B 80 -5.10 -2.89 8.31
N GLU B 81 -5.26 -2.38 7.08
CA GLU B 81 -6.40 -2.76 6.26
C GLU B 81 -6.18 -4.02 5.43
N GLY B 82 -4.96 -4.56 5.41
CA GLY B 82 -4.74 -5.83 4.73
C GLY B 82 -4.80 -5.77 3.22
N GLY B 83 -4.44 -4.64 2.61
CA GLY B 83 -4.44 -4.52 1.17
C GLY B 83 -3.23 -5.18 0.54
N ILE B 84 -2.73 -4.57 -0.53
CA ILE B 84 -1.47 -5.00 -1.12
C ILE B 84 -0.33 -4.50 -0.25
N GLN B 85 0.57 -5.40 0.12
CA GLN B 85 1.68 -5.06 1.01
C GLN B 85 3.01 -4.90 0.29
N HIS B 86 3.26 -5.69 -0.75
CA HIS B 86 4.53 -5.65 -1.46
C HIS B 86 4.47 -4.61 -2.58
N ILE B 87 4.42 -3.35 -2.16
CA ILE B 87 4.37 -2.25 -3.11
C ILE B 87 5.72 -2.10 -3.78
N SER B 88 5.73 -2.11 -5.10
CA SER B 88 6.96 -1.93 -5.87
C SER B 88 7.29 -0.44 -5.92
N TRP B 89 7.86 0.04 -4.82
CA TRP B 89 8.19 1.46 -4.72
C TRP B 89 9.26 1.89 -5.71
N SER B 90 10.01 0.93 -6.27
CA SER B 90 10.92 1.27 -7.35
C SER B 90 10.17 1.78 -8.56
N TYR B 91 9.06 1.12 -8.90
CA TYR B 91 8.25 1.54 -10.04
C TYR B 91 7.50 2.83 -9.75
N VAL B 92 6.90 2.90 -8.56
CA VAL B 92 6.02 4.03 -8.23
C VAL B 92 6.79 5.34 -8.31
N TRP B 93 7.99 5.36 -7.73
CA TRP B 93 8.81 6.56 -7.82
C TRP B 93 9.52 6.68 -9.16
N ARG B 94 9.49 5.63 -9.99
CA ARG B 94 10.09 5.73 -11.32
C ARG B 94 9.19 6.51 -12.26
N THR B 95 7.87 6.33 -12.15
CA THR B 95 6.95 6.94 -13.10
C THR B 95 6.30 8.21 -12.58
N TYR B 96 6.02 8.28 -11.29
CA TYR B 96 5.30 9.42 -10.74
C TYR B 96 6.26 10.41 -10.10
N HIS B 97 5.88 11.68 -10.15
CA HIS B 97 6.62 12.77 -9.54
C HIS B 97 5.89 13.25 -8.30
N LEU B 98 6.48 14.24 -7.64
CA LEU B 98 5.84 14.96 -6.55
C LEU B 98 5.81 16.43 -6.90
N THR B 99 4.65 17.05 -6.81
CA THR B 99 4.52 18.44 -7.23
C THR B 99 3.80 19.24 -6.17
N SER B 100 4.22 20.50 -6.01
CA SER B 100 3.59 21.43 -5.08
C SER B 100 3.62 22.81 -5.70
N ALA B 101 2.47 23.48 -5.74
CA ALA B 101 2.32 24.81 -6.32
C ALA B 101 2.76 24.83 -7.78
N GLY B 102 2.57 23.72 -8.48
CA GLY B 102 2.96 23.62 -9.88
C GLY B 102 4.43 23.35 -10.13
N GLU B 103 5.23 23.19 -9.08
CA GLU B 103 6.65 22.89 -9.21
C GLU B 103 6.89 21.44 -8.82
N LYS B 104 7.47 20.67 -9.73
CA LYS B 104 7.72 19.27 -9.46
C LYS B 104 8.91 19.11 -8.52
N LEU B 105 8.73 18.28 -7.49
CA LEU B 105 9.80 17.98 -6.54
C LEU B 105 10.72 16.95 -7.15
N THR B 106 11.76 17.39 -7.83
CA THR B 106 12.69 16.49 -8.51
C THR B 106 13.93 16.19 -7.70
N GLU B 107 14.56 17.20 -7.11
CA GLU B 107 15.78 17.02 -6.33
C GLU B 107 15.45 16.28 -5.04
N ASP B 108 15.82 14.99 -4.99
CA ASP B 108 15.59 14.22 -3.77
C ASP B 108 16.43 14.74 -2.61
N ARG B 109 17.56 15.38 -2.91
CA ARG B 109 18.46 15.86 -1.87
C ARG B 109 17.97 17.17 -1.26
N LYS B 110 17.30 18.00 -2.04
CA LYS B 110 16.86 19.29 -1.53
C LYS B 110 15.80 19.12 -0.44
N LYS B 111 15.76 20.08 0.48
CA LYS B 111 14.88 20.02 1.63
C LYS B 111 13.59 20.82 1.39
N LEU B 112 12.50 20.34 2.00
CA LEU B 112 11.17 20.81 1.61
C LEU B 112 10.98 22.30 1.88
N ARG B 113 11.72 22.89 2.83
CA ARG B 113 11.48 24.30 3.14
C ARG B 113 11.87 25.19 1.96
N ASP B 114 12.94 24.83 1.24
CA ASP B 114 13.34 25.61 0.08
C ASP B 114 12.35 25.39 -1.06
N TYR B 115 11.82 24.18 -1.19
CA TYR B 115 10.78 23.89 -2.18
C TYR B 115 9.44 24.52 -1.81
N GLY B 116 9.39 25.42 -0.84
CA GLY B 116 8.19 26.15 -0.51
C GLY B 116 7.20 25.40 0.34
N ILE B 117 7.52 24.19 0.76
CA ILE B 117 6.57 23.39 1.52
C ILE B 117 6.61 23.80 2.99
N ARG B 118 5.45 24.12 3.53
CA ARG B 118 5.29 24.46 4.94
C ARG B 118 4.48 23.37 5.62
N ASN B 119 4.21 23.55 6.90
CA ASN B 119 3.37 22.61 7.62
C ASN B 119 1.94 22.69 7.11
N ARG B 120 1.24 21.56 7.18
CA ARG B 120 -0.17 21.48 6.79
C ARG B 120 -0.35 21.86 5.31
N ASP B 121 0.67 21.59 4.50
CA ASP B 121 0.60 21.91 3.08
C ASP B 121 -0.03 20.76 2.31
N GLU B 122 -0.06 20.90 0.98
CA GLU B 122 -0.57 19.88 0.10
C GLU B 122 0.36 19.72 -1.09
N VAL B 123 0.70 18.46 -1.42
CA VAL B 123 1.43 18.13 -2.62
C VAL B 123 0.68 17.00 -3.33
N SER B 124 0.89 16.91 -4.65
CA SER B 124 0.15 15.99 -5.47
C SER B 124 1.12 15.19 -6.33
N PHE B 125 0.55 14.28 -7.11
CA PHE B 125 1.31 13.38 -7.97
C PHE B 125 1.18 13.81 -9.43
N ILE B 126 2.19 13.47 -10.22
CA ILE B 126 2.15 13.70 -11.66
C ILE B 126 3.14 12.74 -12.29
N LYS B 127 2.86 12.34 -13.53
CA LYS B 127 3.73 11.38 -14.20
C LYS B 127 5.00 12.05 -14.69
N LYS B 128 5.99 11.24 -15.03
CA LYS B 128 7.31 11.74 -15.43
C LYS B 128 7.23 12.66 -16.66
N GLU C 10 -8.31 -18.64 -27.30
CA GLU C 10 -7.11 -19.43 -27.08
C GLU C 10 -5.86 -18.58 -27.30
N TYR C 11 -5.46 -17.85 -26.27
CA TYR C 11 -4.35 -16.92 -26.41
C TYR C 11 -3.04 -17.68 -26.59
N ASP C 12 -2.25 -17.22 -27.55
CA ASP C 12 -0.91 -17.73 -27.78
C ASP C 12 0.01 -16.54 -27.99
N PRO C 13 0.88 -16.24 -27.04
CA PRO C 13 1.78 -15.08 -27.22
C PRO C 13 2.64 -15.21 -28.46
N LEU C 14 2.82 -16.44 -28.93
CA LEU C 14 3.59 -16.68 -30.15
C LEU C 14 2.93 -16.01 -31.36
N LYS C 15 1.73 -16.47 -31.72
CA LYS C 15 1.07 -15.96 -32.90
C LYS C 15 0.45 -14.59 -32.69
N ALA C 16 0.31 -14.16 -31.43
CA ALA C 16 -0.30 -12.86 -31.16
C ALA C 16 0.51 -11.72 -31.75
N GLY C 17 1.81 -11.89 -31.89
CA GLY C 17 2.64 -10.87 -32.49
C GLY C 17 2.65 -10.87 -34.01
N SER C 18 1.89 -11.76 -34.63
CA SER C 18 1.87 -11.90 -36.08
C SER C 18 0.47 -11.64 -36.62
N ILE C 19 0.40 -11.10 -37.83
CA ILE C 19 -0.88 -10.67 -38.39
C ILE C 19 -1.78 -11.86 -38.67
N ASP C 20 -1.21 -12.96 -39.16
CA ASP C 20 -2.01 -14.10 -39.60
C ASP C 20 -1.71 -15.38 -38.82
N GLY C 21 -0.99 -15.30 -37.71
CA GLY C 21 -0.71 -16.50 -36.94
C GLY C 21 0.34 -17.40 -37.55
N THR C 22 1.23 -16.87 -38.38
CA THR C 22 2.25 -17.66 -39.06
C THR C 22 3.66 -17.46 -38.52
N ASP C 23 3.85 -16.62 -37.52
CA ASP C 23 5.20 -16.39 -37.01
C ASP C 23 5.59 -17.49 -36.03
N GLU C 24 6.80 -18.03 -36.22
CA GLU C 24 7.36 -19.02 -35.31
C GLU C 24 8.52 -18.48 -34.47
N ASP C 25 8.80 -17.17 -34.53
CA ASP C 25 9.86 -16.61 -33.70
C ASP C 25 9.46 -15.21 -33.25
N PRO C 26 9.41 -14.96 -31.92
CA PRO C 26 9.11 -13.62 -31.42
C PRO C 26 9.86 -12.51 -32.12
N HIS C 27 9.14 -11.54 -32.67
CA HIS C 27 9.76 -10.39 -33.29
C HIS C 27 9.98 -9.25 -32.31
N ASP C 28 9.64 -9.45 -31.04
CA ASP C 28 9.74 -8.42 -30.02
C ASP C 28 10.11 -9.09 -28.71
N ARG C 29 11.00 -8.46 -27.94
CA ARG C 29 11.35 -9.04 -26.64
C ARG C 29 10.15 -9.11 -25.71
N ALA C 30 9.21 -8.17 -25.86
CA ALA C 30 7.99 -8.21 -25.06
C ALA C 30 7.21 -9.49 -25.32
N VAL C 31 7.20 -9.96 -26.58
CA VAL C 31 6.65 -11.28 -26.86
C VAL C 31 7.44 -12.34 -26.12
N TRP C 32 8.77 -12.22 -26.13
CA TRP C 32 9.61 -13.20 -25.46
C TRP C 32 9.31 -13.22 -23.96
N ARG C 33 9.13 -12.03 -23.36
CA ARG C 33 8.74 -11.96 -21.96
C ARG C 33 7.38 -12.59 -21.73
N ALA C 34 6.49 -12.49 -22.72
CA ALA C 34 5.14 -13.04 -22.56
C ALA C 34 5.18 -14.56 -22.39
N MET C 35 6.00 -15.24 -23.19
CA MET C 35 6.06 -16.69 -23.11
C MET C 35 6.62 -17.14 -21.77
N LEU C 36 7.70 -16.49 -21.32
CA LEU C 36 8.35 -16.93 -20.08
C LEU C 36 7.50 -16.63 -18.86
N ALA C 37 6.94 -15.43 -18.78
CA ALA C 37 6.22 -15.01 -17.58
C ALA C 37 4.95 -15.82 -17.38
N ARG C 38 4.67 -16.14 -16.13
CA ARG C 38 3.43 -16.81 -15.75
C ARG C 38 2.55 -15.84 -14.98
N TYR C 39 1.26 -15.83 -15.32
CA TYR C 39 0.32 -14.86 -14.80
C TYR C 39 -0.81 -15.57 -14.07
N VAL C 40 -1.17 -15.02 -12.90
CA VAL C 40 -2.36 -15.45 -12.18
C VAL C 40 -3.12 -14.19 -11.76
N PRO C 41 -4.45 -14.19 -11.85
CA PRO C 41 -5.21 -13.01 -11.43
C PRO C 41 -5.03 -12.73 -9.95
N ASN C 42 -5.01 -11.44 -9.61
CA ASN C 42 -4.76 -11.00 -8.24
C ASN C 42 -5.92 -11.41 -7.34
N LYS C 43 -5.78 -11.08 -6.05
CA LYS C 43 -6.89 -11.25 -5.13
C LYS C 43 -7.98 -10.21 -5.34
N GLY C 44 -7.70 -9.16 -6.10
CA GLY C 44 -8.70 -8.17 -6.44
C GLY C 44 -9.62 -8.58 -7.57
N VAL C 45 -9.33 -9.70 -8.23
CA VAL C 45 -10.18 -10.21 -9.29
C VAL C 45 -11.34 -10.97 -8.64
N ILE C 46 -12.54 -10.42 -8.76
CA ILE C 46 -13.71 -10.95 -8.06
C ILE C 46 -14.82 -11.18 -9.07
N GLY C 47 -15.77 -12.02 -8.68
CA GLY C 47 -16.98 -12.23 -9.45
C GLY C 47 -16.81 -13.28 -10.54
N ASP C 48 -17.94 -13.66 -11.11
CA ASP C 48 -17.94 -14.63 -12.19
C ASP C 48 -17.34 -14.00 -13.44
N PRO C 49 -16.28 -14.56 -14.02
CA PRO C 49 -15.64 -13.92 -15.17
C PRO C 49 -16.53 -13.81 -16.39
N LEU C 50 -17.59 -14.61 -16.47
CA LEU C 50 -18.45 -14.57 -17.65
C LEU C 50 -19.15 -13.23 -17.77
N LEU C 51 -19.50 -12.60 -16.65
CA LEU C 51 -20.33 -11.40 -16.65
C LEU C 51 -19.51 -10.12 -16.50
N THR C 52 -18.19 -10.20 -16.54
CA THR C 52 -17.36 -9.01 -16.37
C THR C 52 -17.07 -8.41 -17.74
N LEU C 53 -17.70 -7.28 -18.03
CA LEU C 53 -17.49 -6.59 -19.31
C LEU C 53 -16.35 -5.61 -19.13
N PHE C 54 -15.15 -6.02 -19.53
CA PHE C 54 -14.00 -5.14 -19.40
C PHE C 54 -14.08 -4.01 -20.41
N VAL C 55 -14.08 -2.78 -19.93
CA VAL C 55 -14.09 -1.60 -20.78
C VAL C 55 -12.76 -0.87 -20.60
N ALA C 56 -12.30 -0.23 -21.66
CA ALA C 56 -11.01 0.44 -21.66
C ALA C 56 -11.11 1.76 -22.41
N ARG C 57 -9.98 2.45 -22.49
CA ARG C 57 -9.89 3.74 -23.19
C ARG C 57 -10.89 4.74 -22.65
N LEU C 58 -11.17 4.69 -21.35
CA LEU C 58 -11.98 5.71 -20.71
C LEU C 58 -11.15 6.96 -20.47
N ASN C 59 -11.85 8.06 -20.18
CA ASN C 59 -11.16 9.28 -19.77
C ASN C 59 -10.70 9.11 -18.32
N LEU C 60 -9.51 9.64 -18.03
CA LEU C 60 -8.99 9.54 -16.67
C LEU C 60 -9.82 10.32 -15.67
N GLN C 61 -10.63 11.27 -16.13
CA GLN C 61 -11.52 12.00 -15.25
C GLN C 61 -12.87 11.33 -15.08
N THR C 62 -13.10 10.19 -15.73
CA THR C 62 -14.37 9.50 -15.57
C THR C 62 -14.48 8.89 -14.19
N LYS C 63 -15.63 9.09 -13.55
CA LYS C 63 -15.90 8.55 -12.23
C LYS C 63 -16.71 7.27 -12.35
N GLU C 64 -16.60 6.43 -11.32
CA GLU C 64 -17.24 5.13 -11.38
C GLU C 64 -18.77 5.23 -11.38
N ASP C 65 -19.30 6.35 -10.90
CA ASP C 65 -20.75 6.54 -10.94
C ASP C 65 -21.24 6.77 -12.37
N LYS C 66 -20.51 7.57 -13.15
CA LYS C 66 -20.89 7.82 -14.53
C LYS C 66 -20.88 6.54 -15.33
N LEU C 67 -19.88 5.68 -15.11
CA LEU C 67 -19.86 4.38 -15.76
C LEU C 67 -21.08 3.57 -15.40
N LYS C 68 -21.47 3.58 -14.13
CA LYS C 68 -22.72 2.94 -13.74
C LYS C 68 -23.90 3.61 -14.40
N GLU C 69 -23.84 4.94 -14.55
CA GLU C 69 -24.97 5.68 -15.11
C GLU C 69 -25.20 5.31 -16.57
N VAL C 70 -24.13 5.23 -17.36
CA VAL C 70 -24.28 4.97 -18.78
C VAL C 70 -24.39 3.48 -19.09
N PHE C 71 -23.89 2.61 -18.22
CA PHE C 71 -23.95 1.18 -18.46
C PHE C 71 -25.14 0.52 -17.80
N SER C 72 -25.98 1.27 -17.10
CA SER C 72 -27.19 0.71 -16.54
C SER C 72 -28.29 0.57 -17.59
N ARG C 73 -28.18 1.28 -18.71
CA ARG C 73 -29.20 1.21 -19.75
C ARG C 73 -29.27 -0.18 -20.38
N TYR C 74 -28.21 -0.97 -20.27
CA TYR C 74 -28.21 -2.34 -20.74
C TYR C 74 -28.79 -3.31 -19.73
N GLY C 75 -29.20 -2.83 -18.56
CA GLY C 75 -29.80 -3.65 -17.53
C GLY C 75 -29.21 -3.36 -16.18
N ASP C 76 -29.68 -4.13 -15.19
CA ASP C 76 -29.17 -4.00 -13.84
C ASP C 76 -27.71 -4.43 -13.77
N ILE C 77 -26.96 -3.79 -12.89
CA ILE C 77 -25.53 -4.02 -12.75
C ILE C 77 -25.25 -4.48 -11.33
N ARG C 78 -24.69 -5.68 -11.18
CA ARG C 78 -24.43 -6.23 -9.85
C ARG C 78 -23.28 -5.50 -9.17
N ARG C 79 -22.18 -5.31 -9.87
CA ARG C 79 -20.97 -4.77 -9.28
C ARG C 79 -20.18 -4.05 -10.36
N LEU C 80 -19.34 -3.11 -9.92
CA LEU C 80 -18.53 -2.33 -10.85
C LEU C 80 -17.27 -1.92 -10.13
N ARG C 81 -16.19 -1.75 -10.89
CA ARG C 81 -14.97 -1.19 -10.33
C ARG C 81 -14.20 -0.48 -11.43
N LEU C 82 -13.85 0.77 -11.17
CA LEU C 82 -12.84 1.44 -11.97
C LEU C 82 -11.48 1.26 -11.31
N VAL C 83 -10.47 0.99 -12.12
CA VAL C 83 -9.15 0.65 -11.63
C VAL C 83 -8.32 1.93 -11.53
N ARG C 84 -7.76 2.18 -10.35
CA ARG C 84 -6.88 3.32 -10.12
C ARG C 84 -5.55 2.83 -9.55
N ASP C 85 -4.52 3.64 -9.74
CA ASP C 85 -3.19 3.28 -9.26
C ASP C 85 -3.18 3.17 -7.74
N LEU C 86 -2.58 2.09 -7.24
CA LEU C 86 -2.69 1.76 -5.83
C LEU C 86 -2.16 2.87 -4.93
N VAL C 87 -0.93 3.32 -5.20
CA VAL C 87 -0.32 4.32 -4.34
C VAL C 87 -0.79 5.72 -4.69
N THR C 88 -0.83 6.06 -5.99
CA THR C 88 -1.05 7.43 -6.39
C THR C 88 -2.52 7.80 -6.40
N GLY C 89 -3.38 6.93 -6.92
CA GLY C 89 -4.79 7.24 -7.08
C GLY C 89 -5.20 7.58 -8.49
N PHE C 90 -4.23 7.78 -9.39
CA PHE C 90 -4.53 8.07 -10.78
C PHE C 90 -5.38 6.98 -11.38
N SER C 91 -6.42 7.37 -12.11
CA SER C 91 -7.23 6.39 -12.82
C SER C 91 -6.39 5.73 -13.91
N LYS C 92 -6.52 4.42 -14.02
CA LYS C 92 -5.77 3.67 -15.02
C LYS C 92 -6.45 3.66 -16.37
N GLY C 93 -7.62 4.26 -16.49
CA GLY C 93 -8.27 4.36 -17.78
C GLY C 93 -9.05 3.13 -18.21
N TYR C 94 -9.31 2.20 -17.30
CA TYR C 94 -10.12 1.06 -17.64
C TYR C 94 -10.83 0.55 -16.40
N ALA C 95 -11.98 -0.09 -16.61
CA ALA C 95 -12.87 -0.52 -15.54
C ALA C 95 -13.31 -1.96 -15.79
N PHE C 96 -14.07 -2.49 -14.86
CA PHE C 96 -14.62 -3.84 -14.98
C PHE C 96 -16.06 -3.82 -14.49
N ILE C 97 -16.99 -4.12 -15.39
CA ILE C 97 -18.42 -4.02 -15.12
C ILE C 97 -18.96 -5.43 -14.96
N GLU C 98 -19.49 -5.74 -13.79
CA GLU C 98 -20.10 -7.04 -13.52
C GLU C 98 -21.60 -6.90 -13.63
N TYR C 99 -22.21 -7.72 -14.47
CA TYR C 99 -23.63 -7.64 -14.77
C TYR C 99 -24.38 -8.80 -14.15
N LYS C 100 -25.70 -8.77 -14.31
CA LYS C 100 -26.58 -9.88 -13.93
C LYS C 100 -27.31 -10.34 -15.17
N GLU C 101 -27.37 -11.67 -15.35
CA GLU C 101 -27.98 -12.30 -16.52
C GLU C 101 -27.10 -12.06 -17.75
N GLU C 102 -26.84 -13.10 -18.54
CA GLU C 102 -25.94 -12.92 -19.67
C GLU C 102 -26.56 -12.09 -20.79
N ARG C 103 -27.87 -11.85 -20.74
CA ARG C 103 -28.50 -11.01 -21.76
C ARG C 103 -27.95 -9.59 -21.71
N ALA C 104 -27.67 -9.08 -20.51
CA ALA C 104 -27.24 -7.69 -20.38
C ALA C 104 -25.84 -7.49 -20.95
N VAL C 105 -24.93 -8.43 -20.67
CA VAL C 105 -23.53 -8.20 -21.05
C VAL C 105 -23.34 -8.28 -22.55
N ILE C 106 -24.04 -9.19 -23.24
CA ILE C 106 -23.91 -9.29 -24.69
C ILE C 106 -24.43 -8.01 -25.34
N LYS C 107 -25.54 -7.47 -24.83
CA LYS C 107 -26.00 -6.17 -25.28
C LYS C 107 -24.94 -5.11 -25.04
N ALA C 108 -24.27 -5.19 -23.89
CA ALA C 108 -23.15 -4.28 -23.63
C ALA C 108 -22.02 -4.52 -24.61
N TYR C 109 -21.82 -5.78 -25.03
CA TYR C 109 -20.74 -6.09 -25.96
C TYR C 109 -20.96 -5.41 -27.30
N ARG C 110 -22.13 -5.58 -27.90
CA ARG C 110 -22.31 -5.28 -29.31
C ARG C 110 -22.47 -3.79 -29.58
N ASP C 111 -23.09 -3.03 -28.66
CA ASP C 111 -23.38 -1.63 -28.93
C ASP C 111 -22.40 -0.66 -28.28
N ALA C 112 -21.91 -0.97 -27.07
CA ALA C 112 -21.15 0.01 -26.33
C ALA C 112 -19.76 0.27 -26.89
N ASP C 113 -19.31 -0.55 -27.83
CA ASP C 113 -17.98 -0.35 -28.42
C ASP C 113 -18.05 0.86 -29.34
N GLY C 114 -17.24 1.86 -29.06
CA GLY C 114 -17.26 3.13 -29.78
C GLY C 114 -18.13 4.18 -29.14
N LEU C 115 -18.93 3.81 -28.14
CA LEU C 115 -19.79 4.76 -27.44
C LEU C 115 -18.95 5.86 -26.83
N VAL C 116 -19.21 7.10 -27.25
CA VAL C 116 -18.40 8.22 -26.79
C VAL C 116 -18.76 8.54 -25.34
N ILE C 117 -17.75 8.55 -24.48
CA ILE C 117 -17.92 8.93 -23.08
C ILE C 117 -16.84 9.94 -22.74
N ASP C 118 -17.26 11.14 -22.37
CA ASP C 118 -16.34 12.22 -22.01
C ASP C 118 -15.28 12.42 -23.09
N GLN C 119 -15.76 12.58 -24.32
CA GLN C 119 -14.94 12.83 -25.52
C GLN C 119 -13.97 11.70 -25.82
N HIS C 120 -14.27 10.46 -25.42
CA HIS C 120 -13.44 9.31 -25.72
C HIS C 120 -14.30 8.18 -26.27
N GLU C 121 -13.81 7.52 -27.32
CA GLU C 121 -14.46 6.33 -27.82
C GLU C 121 -13.99 5.12 -27.02
N ILE C 122 -14.85 4.63 -26.14
CA ILE C 122 -14.49 3.58 -25.21
C ILE C 122 -14.34 2.27 -25.96
N PHE C 123 -13.62 1.34 -25.36
CA PHE C 123 -13.45 0.00 -25.91
C PHE C 123 -14.13 -0.99 -24.99
N VAL C 124 -14.81 -1.96 -25.56
CA VAL C 124 -15.58 -2.94 -24.82
C VAL C 124 -15.17 -4.34 -25.24
N ASP C 125 -14.99 -5.23 -24.27
CA ASP C 125 -14.69 -6.63 -24.51
C ASP C 125 -15.18 -7.43 -23.31
N TYR C 126 -15.02 -8.75 -23.35
CA TYR C 126 -15.27 -9.57 -22.18
C TYR C 126 -14.06 -9.53 -21.26
N GLU C 127 -14.15 -10.24 -20.14
CA GLU C 127 -12.99 -10.45 -19.28
C GLU C 127 -12.28 -11.72 -19.73
N LEU C 128 -11.04 -11.59 -20.16
CA LEU C 128 -10.32 -12.69 -20.78
C LEU C 128 -9.27 -13.34 -19.88
N GLU C 129 -9.27 -13.01 -18.58
CA GLU C 129 -8.31 -13.63 -17.68
C GLU C 129 -8.68 -15.07 -17.38
N ARG C 130 -9.86 -15.27 -16.78
CA ARG C 130 -10.31 -16.58 -16.36
C ARG C 130 -11.12 -17.29 -17.43
N THR C 131 -11.06 -16.82 -18.65
CA THR C 131 -11.77 -17.46 -19.76
C THR C 131 -10.87 -17.76 -20.94
N LEU C 132 -9.91 -16.89 -21.25
CA LEU C 132 -9.02 -17.08 -22.38
C LEU C 132 -7.76 -17.80 -21.91
N LYS C 133 -7.56 -19.01 -22.42
CA LYS C 133 -6.45 -19.84 -21.97
C LYS C 133 -5.12 -19.17 -22.28
N GLY C 134 -4.21 -19.18 -21.31
CA GLY C 134 -2.90 -18.61 -21.50
C GLY C 134 -2.88 -17.12 -21.68
N TRP C 135 -3.94 -16.42 -21.26
CA TRP C 135 -3.99 -14.98 -21.45
C TRP C 135 -2.89 -14.30 -20.66
N ILE C 136 -2.23 -13.33 -21.28
CA ILE C 136 -1.16 -12.54 -20.66
C ILE C 136 -1.51 -11.07 -20.86
N PRO C 137 -1.54 -10.26 -19.80
CA PRO C 137 -1.81 -8.84 -19.95
C PRO C 137 -0.63 -8.11 -20.57
N ARG C 138 -0.90 -6.90 -21.04
CA ARG C 138 0.12 -6.12 -21.72
C ARG C 138 1.28 -5.75 -20.80
N ARG C 139 1.02 -5.59 -19.50
CA ARG C 139 2.09 -5.24 -18.58
C ARG C 139 3.15 -6.32 -18.54
N LEU C 140 2.75 -7.58 -18.55
CA LEU C 140 3.65 -8.72 -18.61
C LEU C 140 4.18 -8.98 -20.01
N GLY C 141 4.01 -8.04 -20.93
CA GLY C 141 4.35 -8.27 -22.31
C GLY C 141 3.22 -8.99 -23.01
N GLY C 142 2.74 -8.42 -24.11
CA GLY C 142 1.64 -9.04 -24.82
C GLY C 142 0.34 -8.29 -24.70
N GLY C 143 -0.69 -8.95 -24.19
CA GLY C 143 -2.00 -8.33 -24.25
C GLY C 143 -2.54 -8.40 -25.66
N LEU C 144 -3.45 -7.48 -25.97
CA LEU C 144 -4.04 -7.41 -27.30
C LEU C 144 -4.00 -5.96 -27.76
N GLY C 145 -4.69 -5.66 -28.84
CA GLY C 145 -4.80 -4.31 -29.32
C GLY C 145 -3.45 -3.68 -29.63
N GLY C 146 -3.01 -2.77 -28.79
CA GLY C 146 -1.77 -2.08 -29.02
C GLY C 146 -1.95 -0.99 -30.06
N LYS C 147 -0.84 -0.34 -30.38
CA LYS C 147 -0.79 0.58 -31.50
C LYS C 147 0.53 0.37 -32.24
N LYS C 148 0.44 0.17 -33.55
CA LYS C 148 1.63 -0.10 -34.35
C LYS C 148 2.62 1.06 -34.30
N GLU C 149 2.17 2.25 -33.90
CA GLU C 149 3.10 3.36 -33.72
C GLU C 149 4.13 3.05 -32.65
N SER C 150 3.71 2.44 -31.55
CA SER C 150 4.56 2.27 -30.38
C SER C 150 5.44 1.03 -30.49
N GLY C 151 6.11 0.87 -31.63
CA GLY C 151 7.07 -0.20 -31.83
C GLY C 151 6.62 -1.62 -31.57
N GLN C 152 5.34 -1.85 -31.28
CA GLN C 152 4.86 -3.19 -31.02
C GLN C 152 3.35 -3.24 -31.22
N LEU C 153 2.83 -4.46 -31.34
CA LEU C 153 1.42 -4.69 -31.63
C LEU C 153 1.10 -6.12 -31.24
N ARG C 154 -0.16 -6.37 -30.90
CA ARG C 154 -0.61 -7.72 -30.54
C ARG C 154 -1.94 -7.97 -31.24
N PHE C 155 -1.92 -8.81 -32.26
CA PHE C 155 -3.10 -9.06 -33.06
C PHE C 155 -3.98 -10.10 -32.37
N GLY C 156 -5.00 -10.57 -33.08
CA GLY C 156 -5.85 -11.63 -32.58
C GLY C 156 -7.01 -11.18 -31.71
N GLY C 157 -7.08 -9.90 -31.36
CA GLY C 157 -8.16 -9.40 -30.54
C GLY C 157 -9.34 -8.93 -31.37
N ARG C 158 -10.36 -8.43 -30.66
CA ARG C 158 -11.50 -7.86 -31.34
C ARG C 158 -11.09 -6.63 -32.16
N ASP C 159 -10.20 -5.82 -31.62
CA ASP C 159 -9.74 -4.63 -32.33
C ASP C 159 -9.00 -5.00 -33.60
N ARG C 160 -8.12 -6.00 -33.53
CA ARG C 160 -7.28 -6.40 -34.66
C ARG C 160 -7.38 -7.91 -34.85
N PRO C 161 -8.45 -8.39 -35.49
CA PRO C 161 -8.55 -9.83 -35.74
C PRO C 161 -7.49 -10.30 -36.72
N PHE C 162 -7.26 -11.62 -36.71
CA PHE C 162 -6.25 -12.20 -37.57
C PHE C 162 -6.63 -12.10 -39.04
N ARG C 163 -5.61 -11.91 -39.89
CA ARG C 163 -5.80 -11.83 -41.34
C ARG C 163 -5.82 -13.24 -41.92
N LYS C 164 -6.85 -13.99 -41.55
CA LYS C 164 -6.99 -15.37 -42.01
C LYS C 164 -7.68 -15.43 -43.36
N GLU D 291 35.99 -22.18 16.77
CA GLU D 291 35.31 -21.02 17.31
C GLU D 291 34.06 -20.71 16.49
N GLN D 292 34.14 -20.98 15.19
CA GLN D 292 33.03 -20.64 14.30
C GLN D 292 31.76 -21.36 14.69
N GLU D 293 31.85 -22.68 14.89
CA GLU D 293 30.69 -23.44 15.34
C GLU D 293 30.40 -23.24 16.82
N LEU D 294 31.40 -22.86 17.62
CA LEU D 294 31.14 -22.45 18.99
C LEU D 294 30.29 -21.18 19.03
N LYS D 295 30.62 -20.21 18.18
CA LYS D 295 29.85 -18.97 18.11
C LYS D 295 28.45 -19.26 17.59
N ALA D 296 28.35 -20.02 16.49
CA ALA D 296 27.05 -20.30 15.89
C ALA D 296 26.14 -21.03 16.88
N ALA D 297 26.69 -21.99 17.63
CA ALA D 297 25.91 -22.66 18.66
C ALA D 297 25.40 -21.68 19.70
N ALA D 298 26.27 -20.76 20.14
CA ALA D 298 25.82 -19.70 21.03
C ALA D 298 24.85 -18.77 20.32
N ASP D 299 25.13 -18.47 19.04
CA ASP D 299 24.26 -17.56 18.30
C ASP D 299 22.86 -18.13 18.18
N GLY D 300 22.76 -19.45 17.94
CA GLY D 300 21.46 -20.05 17.70
C GLY D 300 20.49 -19.87 18.86
N VAL D 301 21.00 -19.92 20.09
CA VAL D 301 20.16 -19.82 21.27
C VAL D 301 20.15 -18.41 21.83
N LEU D 302 21.31 -17.75 21.93
CA LEU D 302 21.36 -16.43 22.53
C LEU D 302 20.62 -15.40 21.70
N SER D 303 20.78 -15.45 20.38
CA SER D 303 20.10 -14.48 19.52
C SER D 303 18.59 -14.63 19.57
N GLU D 304 18.10 -15.88 19.64
CA GLU D 304 16.67 -16.11 19.72
C GLU D 304 16.09 -15.52 21.01
N VAL D 305 16.79 -15.70 22.12
CA VAL D 305 16.33 -15.15 23.40
C VAL D 305 16.31 -13.62 23.33
N ARG D 306 17.34 -13.03 22.73
CA ARG D 306 17.37 -11.59 22.58
C ARG D 306 16.20 -11.11 21.73
N LYS D 307 15.90 -11.84 20.65
CA LYS D 307 14.79 -11.47 19.78
C LYS D 307 13.51 -11.27 20.59
N LYS D 308 13.23 -12.19 21.50
CA LYS D 308 12.10 -12.01 22.40
C LYS D 308 12.39 -10.94 23.44
N GLN D 309 13.63 -10.89 23.95
CA GLN D 309 13.99 -9.86 24.92
C GLN D 309 13.92 -8.47 24.31
N ALA D 310 14.42 -8.32 23.08
CA ALA D 310 14.24 -7.06 22.37
C ALA D 310 12.75 -6.76 22.17
N ASP D 311 11.97 -7.78 21.83
CA ASP D 311 10.53 -7.62 21.82
C ASP D 311 10.00 -7.31 23.21
N THR D 312 10.52 -8.00 24.23
CA THR D 312 10.11 -7.72 25.60
C THR D 312 10.44 -6.28 25.98
N LYS D 313 11.60 -5.78 25.54
CA LYS D 313 11.95 -4.39 25.77
C LYS D 313 11.10 -3.45 24.92
N ARG D 314 10.57 -3.96 23.81
CA ARG D 314 9.88 -3.10 22.84
C ARG D 314 8.62 -2.48 23.43
N MET D 315 8.01 -3.13 24.43
CA MET D 315 6.84 -2.52 25.06
C MET D 315 7.24 -1.46 26.08
N VAL D 316 8.49 -1.48 26.55
CA VAL D 316 8.91 -0.54 27.57
C VAL D 316 9.03 0.87 26.97
N ASP D 317 9.79 1.00 25.88
CA ASP D 317 9.92 2.28 25.22
C ASP D 317 8.64 2.73 24.54
N ILE D 318 7.74 1.79 24.22
CA ILE D 318 6.41 2.18 23.76
C ILE D 318 5.69 2.96 24.85
N LEU D 319 5.72 2.45 26.08
CA LEU D 319 5.10 3.16 27.19
C LEU D 319 5.91 4.37 27.61
N ARG D 320 7.22 4.34 27.38
CA ARG D 320 8.05 5.51 27.65
C ARG D 320 7.70 6.65 26.69
N ALA D 321 7.69 6.36 25.39
CA ALA D 321 7.35 7.38 24.40
C ALA D 321 5.90 7.83 24.55
N LEU D 322 4.99 6.88 24.80
CA LEU D 322 3.59 7.24 24.99
C LEU D 322 3.41 8.11 26.23
N GLU D 323 4.11 7.78 27.31
CA GLU D 323 4.04 8.57 28.53
C GLU D 323 4.55 9.99 28.28
N LYS D 324 5.65 10.11 27.53
CA LYS D 324 6.12 11.44 27.17
C LYS D 324 5.07 12.19 26.36
N LEU D 325 4.54 11.56 25.31
CA LEU D 325 3.53 12.20 24.46
C LEU D 325 2.34 12.66 25.28
N ARG D 326 1.99 11.91 26.32
CA ARG D 326 0.90 12.33 27.20
C ARG D 326 1.24 13.64 27.89
N LYS D 327 2.52 13.82 28.25
CA LYS D 327 2.92 15.00 29.02
C LYS D 327 2.78 16.27 28.19
N LEU D 328 3.35 16.30 26.98
CA LEU D 328 3.34 17.54 26.22
C LEU D 328 1.93 17.93 25.76
N ARG D 329 1.01 16.97 25.66
CA ARG D 329 -0.35 17.31 25.31
C ARG D 329 -1.13 17.88 26.49
N LYS D 330 -0.64 17.68 27.72
CA LYS D 330 -1.23 18.34 28.88
C LYS D 330 -0.81 19.80 28.96
N GLU D 331 0.37 20.14 28.44
CA GLU D 331 0.74 21.54 28.33
C GLU D 331 -0.22 22.27 27.38
N ALA D 332 -0.60 21.61 26.29
CA ALA D 332 -1.64 22.15 25.43
C ALA D 332 -3.02 21.95 26.03
N ALA D 333 -3.14 21.12 27.08
CA ALA D 333 -4.42 20.88 27.72
C ALA D 333 -4.74 21.89 28.81
N ALA D 334 -3.93 22.94 28.96
CA ALA D 334 -4.29 24.02 29.87
C ALA D 334 -5.65 24.61 29.52
N ARG D 335 -6.02 24.59 28.24
CA ARG D 335 -7.35 24.98 27.80
C ARG D 335 -8.27 23.79 27.63
N LYS D 336 -7.70 22.61 27.36
CA LYS D 336 -8.44 21.37 27.20
C LYS D 336 -8.71 20.69 28.56
N GLY D 337 -8.11 21.20 29.63
CA GLY D 337 -8.33 20.63 30.95
C GLY D 337 -9.73 20.86 31.49
N VAL D 338 -10.57 21.59 30.76
CA VAL D 338 -11.96 21.78 31.17
C VAL D 338 -12.65 20.43 31.30
N CYS D 339 -12.51 19.58 30.29
CA CYS D 339 -12.93 18.20 30.43
C CYS D 339 -12.03 17.50 31.44
N PRO D 340 -12.56 16.56 32.22
CA PRO D 340 -11.84 16.09 33.41
C PRO D 340 -10.59 15.32 33.05
N PRO D 341 -9.41 15.86 33.36
CA PRO D 341 -8.16 15.12 33.10
C PRO D 341 -7.82 14.19 34.25
N ALA D 342 -8.32 14.50 35.45
CA ALA D 342 -8.01 13.70 36.63
C ALA D 342 -8.52 12.27 36.46
N SER D 343 -9.74 12.12 35.94
CA SER D 343 -10.22 10.79 35.59
C SER D 343 -9.38 10.18 34.47
N ALA D 344 -9.02 10.99 33.48
CA ALA D 344 -8.17 10.52 32.40
C ALA D 344 -6.78 10.14 32.91
N ASP D 345 -6.18 11.01 33.73
CA ASP D 345 -4.85 10.72 34.26
C ASP D 345 -4.87 9.51 35.18
N GLU D 346 -5.87 9.41 36.05
CA GLU D 346 -5.97 8.27 36.96
C GLU D 346 -6.13 6.97 36.18
N THR D 347 -6.98 6.99 35.14
CA THR D 347 -7.17 5.79 34.33
C THR D 347 -5.88 5.42 33.59
N PHE D 348 -5.12 6.42 33.16
CA PHE D 348 -3.90 6.14 32.42
C PHE D 348 -2.84 5.51 33.33
N THR D 349 -2.62 6.10 34.51
CA THR D 349 -1.47 5.72 35.31
C THR D 349 -1.55 4.28 35.79
N HIS D 350 -2.75 3.83 36.20
CA HIS D 350 -2.85 2.47 36.73
C HIS D 350 -2.69 1.42 35.64
N HIS D 351 -2.82 1.80 34.38
CA HIS D 351 -2.65 0.85 33.28
C HIS D 351 -1.21 0.39 33.19
N LEU D 352 -0.29 1.32 32.94
CA LEU D 352 1.09 0.95 32.65
C LEU D 352 1.76 0.26 33.84
N GLN D 353 1.48 0.73 35.06
CA GLN D 353 2.19 0.22 36.23
C GLN D 353 1.96 -1.28 36.42
N ARG D 354 0.71 -1.73 36.26
CA ARG D 354 0.47 -3.16 36.25
C ARG D 354 1.06 -3.80 35.00
N LEU D 355 0.92 -3.13 33.86
CA LEU D 355 1.51 -3.63 32.62
C LEU D 355 3.03 -3.70 32.72
N ARG D 356 3.65 -2.65 33.26
CA ARG D 356 5.10 -2.67 33.40
C ARG D 356 5.55 -3.69 34.44
N LYS D 357 4.75 -3.90 35.49
CA LYS D 357 5.06 -4.96 36.44
C LYS D 357 5.03 -6.32 35.77
N LEU D 358 4.02 -6.57 34.94
CA LEU D 358 3.96 -7.85 34.22
C LEU D 358 5.11 -7.97 33.22
N ILE D 359 5.49 -6.86 32.59
CA ILE D 359 6.61 -6.88 31.66
C ILE D 359 7.89 -7.25 32.39
N LYS D 360 8.10 -6.66 33.57
CA LYS D 360 9.28 -6.99 34.36
C LYS D 360 9.25 -8.45 34.81
N LYS D 361 8.07 -8.95 35.19
CA LYS D 361 7.95 -10.36 35.56
C LYS D 361 8.32 -11.27 34.39
N ARG D 362 7.85 -10.94 33.19
CA ARG D 362 8.18 -11.73 32.01
C ARG D 362 9.67 -11.66 31.69
N SER D 363 10.26 -10.47 31.81
CA SER D 363 11.68 -10.31 31.52
C SER D 363 12.53 -11.08 32.51
N GLU D 364 12.07 -11.19 33.76
CA GLU D 364 12.80 -11.99 34.75
C GLU D 364 12.85 -13.45 34.33
N LEU D 365 11.76 -13.96 33.75
CA LEU D 365 11.79 -15.30 33.16
C LEU D 365 12.80 -15.37 32.03
N TYR D 366 12.80 -14.38 31.15
CA TYR D 366 13.69 -14.41 29.99
C TYR D 366 15.14 -14.20 30.40
N GLU D 367 15.39 -13.33 31.37
CA GLU D 367 16.75 -13.12 31.84
C GLU D 367 17.30 -14.37 32.51
N ALA D 368 16.45 -15.09 33.25
CA ALA D 368 16.88 -16.33 33.87
C ALA D 368 17.32 -17.35 32.82
N GLU D 369 16.51 -17.51 31.77
CA GLU D 369 16.90 -18.41 30.69
C GLU D 369 18.12 -17.90 29.95
N GLU D 370 18.22 -16.58 29.77
CA GLU D 370 19.42 -16.00 29.17
C GLU D 370 20.65 -16.28 30.02
N ARG D 371 20.53 -16.12 31.34
CA ARG D 371 21.62 -16.48 32.23
C ARG D 371 21.89 -17.98 32.19
N ALA D 372 20.83 -18.78 32.16
CA ALA D 372 21.00 -20.23 32.11
C ALA D 372 21.68 -20.66 30.82
N LEU D 373 21.26 -20.09 29.69
CA LEU D 373 21.89 -20.42 28.42
C LEU D 373 23.36 -19.99 28.41
N ARG D 374 23.64 -18.82 28.96
CA ARG D 374 25.04 -18.39 29.09
C ARG D 374 25.80 -19.32 30.01
N VAL D 375 25.14 -19.83 31.06
CA VAL D 375 25.78 -20.76 31.98
C VAL D 375 26.09 -22.08 31.28
N MET D 376 25.11 -22.64 30.56
CA MET D 376 25.29 -23.96 29.97
C MET D 376 26.20 -23.90 28.76
N LEU D 377 26.03 -22.90 27.89
CA LEU D 377 26.78 -22.86 26.63
C LEU D 377 28.28 -22.73 26.90
N GLU D 378 28.66 -21.84 27.81
CA GLU D 378 30.08 -21.72 28.15
C GLU D 378 30.59 -22.91 28.95
N GLY D 379 29.69 -23.65 29.60
CA GLY D 379 30.10 -24.85 30.30
C GLY D 379 30.58 -25.95 29.36
N GLU D 380 29.97 -26.06 28.19
CA GLU D 380 30.33 -27.12 27.26
C GLU D 380 31.63 -26.82 26.52
N GLN D 381 31.94 -25.54 26.31
CA GLN D 381 33.05 -25.18 25.44
C GLN D 381 34.41 -25.38 26.10
N GLU D 382 34.48 -25.29 27.43
CA GLU D 382 35.75 -25.54 28.10
C GLU D 382 36.10 -27.02 28.12
N GLU D 383 35.11 -27.88 28.40
CA GLU D 383 35.39 -29.29 28.58
C GLU D 383 35.67 -29.99 27.25
N GLU D 384 35.12 -29.46 26.16
CA GLU D 384 35.37 -30.07 24.86
C GLU D 384 36.85 -29.99 24.50
#